data_5CC8
#
_entry.id   5CC8
#
_cell.length_a   87.140
_cell.length_b   93.760
_cell.length_c   72.490
_cell.angle_alpha   90.000
_cell.angle_beta   90.000
_cell.angle_gamma   90.000
#
_symmetry.space_group_name_H-M   'P 21 21 2'
#
loop_
_entity.id
_entity.type
_entity.pdbx_description
1 polymer 'Thiamine-monophosphate kinase'
2 non-polymer 'PHOSPHOAMINOPHOSPHONIC ACID-ADENYLATE ESTER'
3 non-polymer 'MAGNESIUM ION'
4 non-polymer 'CHLORIDE ION'
5 non-polymer 'POTASSIUM ION'
6 water water
#
_entity_poly.entity_id   1
_entity_poly.type   'polypeptide(L)'
_entity_poly.pdbx_seq_one_letter_code
;MAHHHHHHMAEFSIIDQYFNRQSHPDVALGIGDDSALITPPPNQQLVICADTLVAGRHFPLETSPHAIGWKSVAVNLSDI
AAMGAKPHSILLAISLPQVDHEWLEGFSQGIYDCCNQFGVALIGGDTTQGPHLTITVTAMGWIETGKAVLRSGAKVGDYV
CVSGQIGDAAYGLQHLGHSLQQRLDYPTPRCKLGEELKGLASSMIDVSDGLAQDLGHILKASKVGARLILEKLPVDPVLQ
QIEEQQRWQYALAGGDDYELCFTITPQNYEKLLQKQLDVKITMIGQIVEQTKLTFEHLGSDYPLQIHGYQHFA
;
_entity_poly.pdbx_strand_id   A,B
#
loop_
_chem_comp.id
_chem_comp.type
_chem_comp.name
_chem_comp.formula
ANP non-polymer 'PHOSPHOAMINOPHOSPHONIC ACID-ADENYLATE ESTER' 'C10 H17 N6 O12 P3'
CL non-polymer 'CHLORIDE ION' 'Cl -1'
K non-polymer 'POTASSIUM ION' 'K 1'
MG non-polymer 'MAGNESIUM ION' 'Mg 2'
#
# COMPACT_ATOMS: atom_id res chain seq x y z
N GLU A 11 -3.36 5.16 -19.10
CA GLU A 11 -3.47 4.97 -17.65
C GLU A 11 -3.69 6.30 -16.95
N PHE A 12 -3.15 7.39 -17.51
CA PHE A 12 -3.36 8.71 -16.92
C PHE A 12 -4.82 9.13 -17.12
N SER A 13 -5.40 8.69 -18.24
CA SER A 13 -6.80 8.92 -18.51
C SER A 13 -7.65 8.18 -17.49
N ILE A 14 -7.22 6.97 -17.13
CA ILE A 14 -7.96 6.17 -16.17
C ILE A 14 -8.06 6.88 -14.84
N ILE A 15 -6.93 7.40 -14.38
CA ILE A 15 -6.88 8.06 -13.07
C ILE A 15 -7.80 9.26 -13.05
N ASP A 16 -7.69 10.09 -14.08
CA ASP A 16 -8.49 11.31 -14.18
C ASP A 16 -9.97 10.99 -14.31
N GLN A 17 -10.31 10.00 -15.13
CA GLN A 17 -11.72 9.71 -15.42
C GLN A 17 -12.43 8.98 -14.30
N TYR A 18 -11.71 8.17 -13.53
CA TYR A 18 -12.39 7.32 -12.57
C TYR A 18 -11.95 7.48 -11.13
N PHE A 19 -10.73 7.97 -10.91
CA PHE A 19 -10.16 7.98 -9.56
C PHE A 19 -9.64 9.34 -9.16
N ASN A 20 -10.41 10.40 -9.38
CA ASN A 20 -9.91 11.71 -9.01
C ASN A 20 -11.00 12.63 -8.51
N ARG A 21 -11.86 12.11 -7.64
CA ARG A 21 -12.87 12.92 -6.97
C ARG A 21 -12.25 13.74 -5.83
N GLN A 22 -12.85 14.89 -5.53
CA GLN A 22 -12.38 15.72 -4.42
C GLN A 22 -12.53 14.98 -3.08
N SER A 23 -11.52 15.07 -2.23
CA SER A 23 -11.52 14.35 -0.94
C SER A 23 -12.11 15.16 0.22
N HIS A 24 -12.05 14.57 1.42
CA HIS A 24 -12.40 15.25 2.66
C HIS A 24 -11.45 16.43 2.89
N PRO A 25 -11.86 17.42 3.72
CA PRO A 25 -10.97 18.55 4.00
C PRO A 25 -9.67 18.13 4.70
N ASP A 26 -9.63 16.91 5.22
CA ASP A 26 -8.50 16.47 6.03
C ASP A 26 -7.32 15.95 5.20
N VAL A 27 -7.19 16.42 3.96
CA VAL A 27 -6.13 15.94 3.07
C VAL A 27 -5.29 17.11 2.52
N ALA A 28 -4.06 17.25 3.03
CA ALA A 28 -3.18 18.37 2.68
C ALA A 28 -2.82 18.36 1.19
N LEU A 29 -2.62 17.16 0.66
CA LEU A 29 -2.37 16.97 -0.77
C LEU A 29 -2.85 15.61 -1.22
N GLY A 30 -3.83 15.60 -2.11
CA GLY A 30 -4.31 14.36 -2.66
C GLY A 30 -3.69 14.05 -4.00
N ILE A 31 -4.45 13.33 -4.81
CA ILE A 31 -3.98 12.79 -6.08
C ILE A 31 -3.39 13.86 -7.00
N GLY A 32 -2.23 13.56 -7.57
CA GLY A 32 -1.67 14.38 -8.64
C GLY A 32 -0.17 14.59 -8.56
N ASP A 33 0.41 14.24 -7.43
CA ASP A 33 1.84 14.41 -7.25
C ASP A 33 2.51 13.07 -6.99
N ASP A 34 3.83 13.09 -6.77
CA ASP A 34 4.53 11.82 -6.57
C ASP A 34 4.12 11.06 -5.31
N SER A 35 3.79 11.81 -4.25
CA SER A 35 3.22 11.25 -3.03
C SER A 35 2.03 12.10 -2.60
N ALA A 36 1.21 11.55 -1.70
CA ALA A 36 0.17 12.31 -1.03
C ALA A 36 0.71 12.86 0.28
N LEU A 37 0.07 13.91 0.79
CA LEU A 37 0.48 14.55 2.04
C LEU A 37 -0.67 14.55 3.02
N ILE A 38 -0.39 14.16 4.27
CA ILE A 38 -1.40 14.22 5.31
C ILE A 38 -0.84 14.94 6.52
N THR A 39 -1.59 15.93 7.02
CA THR A 39 -1.25 16.58 8.28
C THR A 39 -1.88 15.77 9.41
N PRO A 40 -1.04 15.14 10.24
CA PRO A 40 -1.60 14.26 11.27
C PRO A 40 -2.47 15.00 12.27
N PRO A 41 -3.59 14.41 12.68
CA PRO A 41 -4.31 15.01 13.79
C PRO A 41 -3.47 14.92 15.05
N PRO A 42 -3.51 15.94 15.91
CA PRO A 42 -2.70 15.94 17.13
C PRO A 42 -2.98 14.75 18.05
N ASN A 43 -1.95 14.26 18.74
CA ASN A 43 -2.08 13.26 19.80
C ASN A 43 -2.57 11.92 19.32
N GLN A 44 -2.29 11.61 18.06
CA GLN A 44 -2.73 10.34 17.46
C GLN A 44 -1.59 9.64 16.76
N GLN A 45 -1.62 8.30 16.77
CA GLN A 45 -0.67 7.48 16.01
C GLN A 45 -1.25 7.10 14.67
N LEU A 46 -0.39 7.00 13.66
CA LEU A 46 -0.77 6.47 12.35
C LEU A 46 -0.99 4.97 12.44
N VAL A 47 -2.08 4.50 11.85
CA VAL A 47 -2.44 3.09 11.82
C VAL A 47 -2.46 2.71 10.37
N ILE A 48 -1.70 1.69 9.98
CA ILE A 48 -1.57 1.47 8.54
C ILE A 48 -1.47 0.00 8.18
N CYS A 49 -2.15 -0.37 7.09
CA CYS A 49 -2.23 -1.77 6.68
C CYS A 49 -2.40 -1.87 5.16
N ALA A 50 -2.15 -3.05 4.61
CA ALA A 50 -2.44 -3.30 3.21
C ALA A 50 -2.89 -4.74 3.02
N ASP A 51 -3.83 -4.95 2.09
CA ASP A 51 -4.35 -6.27 1.76
C ASP A 51 -4.59 -6.33 0.28
N THR A 52 -4.20 -7.45 -0.32
CA THR A 52 -4.34 -7.71 -1.74
C THR A 52 -5.51 -8.62 -2.05
N LEU A 53 -6.21 -8.31 -3.14
CA LEU A 53 -7.25 -9.19 -3.68
CA LEU A 53 -7.26 -9.18 -3.69
C LEU A 53 -6.87 -9.64 -5.08
N VAL A 54 -6.73 -10.96 -5.25
CA VAL A 54 -6.36 -11.54 -6.53
C VAL A 54 -7.61 -12.14 -7.17
N ALA A 55 -7.89 -11.76 -8.41
CA ALA A 55 -9.08 -12.25 -9.08
C ALA A 55 -9.07 -13.77 -9.17
N GLY A 56 -10.21 -14.38 -8.88
CA GLY A 56 -10.34 -15.83 -8.95
C GLY A 56 -9.96 -16.50 -7.64
N ARG A 57 -9.19 -15.80 -6.82
CA ARG A 57 -8.76 -16.35 -5.54
C ARG A 57 -9.49 -15.67 -4.39
N HIS A 58 -9.41 -14.34 -4.32
CA HIS A 58 -10.08 -13.62 -3.24
C HIS A 58 -11.50 -13.22 -3.64
N PHE A 59 -11.85 -13.42 -4.90
CA PHE A 59 -13.24 -13.26 -5.34
C PHE A 59 -13.50 -14.05 -6.61
N PRO A 60 -14.72 -14.59 -6.76
CA PRO A 60 -15.05 -15.28 -8.00
C PRO A 60 -14.78 -14.40 -9.22
N LEU A 61 -14.35 -14.99 -10.33
CA LEU A 61 -14.00 -14.21 -11.52
C LEU A 61 -15.18 -13.35 -12.03
N GLU A 62 -16.39 -13.86 -11.89
CA GLU A 62 -17.57 -13.17 -12.40
C GLU A 62 -18.14 -12.13 -11.43
N THR A 63 -17.47 -11.91 -10.30
CA THR A 63 -17.91 -10.89 -9.36
C THR A 63 -18.07 -9.54 -10.06
N SER A 64 -19.16 -8.84 -9.76
CA SER A 64 -19.42 -7.54 -10.39
C SER A 64 -18.30 -6.57 -10.03
N PRO A 65 -17.97 -5.66 -10.96
CA PRO A 65 -16.89 -4.70 -10.68
C PRO A 65 -17.20 -3.83 -9.47
N HIS A 66 -18.47 -3.49 -9.28
CA HIS A 66 -18.84 -2.71 -8.12
C HIS A 66 -18.52 -3.46 -6.83
N ALA A 67 -18.80 -4.76 -6.80
CA ALA A 67 -18.51 -5.54 -5.60
C ALA A 67 -16.99 -5.74 -5.40
N ILE A 68 -16.25 -5.85 -6.50
CA ILE A 68 -14.79 -5.94 -6.39
C ILE A 68 -14.24 -4.66 -5.77
N GLY A 69 -14.72 -3.51 -6.23
CA GLY A 69 -14.27 -2.23 -5.70
C GLY A 69 -14.63 -2.06 -4.23
N TRP A 70 -15.87 -2.41 -3.88
CA TRP A 70 -16.32 -2.33 -2.49
C TRP A 70 -15.45 -3.18 -1.56
N LYS A 71 -15.27 -4.44 -1.92
CA LYS A 71 -14.57 -5.36 -1.04
C LYS A 71 -13.08 -5.00 -0.92
N SER A 72 -12.47 -4.53 -2.02
CA SER A 72 -11.09 -4.06 -1.98
C SER A 72 -10.88 -3.03 -0.87
N VAL A 73 -11.84 -2.13 -0.69
CA VAL A 73 -11.74 -1.15 0.39
C VAL A 73 -12.11 -1.78 1.72
N ALA A 74 -13.25 -2.49 1.73
CA ALA A 74 -13.80 -3.01 2.99
C ALA A 74 -12.82 -3.89 3.77
N VAL A 75 -12.10 -4.76 3.08
CA VAL A 75 -11.24 -5.70 3.80
C VAL A 75 -10.11 -4.95 4.48
N ASN A 76 -9.75 -3.79 3.94
CA ASN A 76 -8.69 -3.00 4.55
C ASN A 76 -9.20 -2.13 5.69
N LEU A 77 -10.38 -1.56 5.54
CA LEU A 77 -11.00 -0.84 6.66
C LEU A 77 -11.19 -1.77 7.86
N SER A 78 -11.41 -3.06 7.58
CA SER A 78 -11.55 -4.05 8.64
C SER A 78 -10.29 -4.17 9.52
N ASP A 79 -9.11 -4.08 8.91
CA ASP A 79 -7.87 -4.18 9.70
C ASP A 79 -7.58 -2.91 10.48
N ILE A 80 -8.10 -1.78 10.01
CA ILE A 80 -8.05 -0.55 10.80
C ILE A 80 -8.97 -0.70 11.99
N ALA A 81 -10.18 -1.18 11.75
CA ALA A 81 -11.17 -1.37 12.80
C ALA A 81 -10.66 -2.33 13.88
N ALA A 82 -9.92 -3.34 13.44
CA ALA A 82 -9.39 -4.37 14.34
C ALA A 82 -8.37 -3.84 15.34
N MET A 83 -7.90 -2.61 15.13
CA MET A 83 -6.99 -1.94 16.08
C MET A 83 -7.73 -0.95 17.01
N GLY A 84 -9.02 -0.74 16.75
CA GLY A 84 -9.81 0.23 17.49
C GLY A 84 -9.69 1.64 16.93
N ALA A 85 -9.10 1.74 15.75
CA ALA A 85 -8.74 3.03 15.17
C ALA A 85 -9.84 3.57 14.24
N LYS A 86 -9.75 4.85 13.91
CA LYS A 86 -10.68 5.46 12.95
C LYS A 86 -10.03 5.61 11.58
N PRO A 87 -10.65 5.05 10.53
CA PRO A 87 -10.04 5.11 9.21
C PRO A 87 -10.13 6.51 8.61
N HIS A 88 -9.16 6.84 7.76
CA HIS A 88 -9.01 8.20 7.25
C HIS A 88 -8.89 8.24 5.74
N SER A 89 -7.97 7.43 5.19
CA SER A 89 -7.69 7.48 3.75
C SER A 89 -7.13 6.17 3.25
N ILE A 90 -7.16 6.01 1.93
CA ILE A 90 -6.61 4.82 1.30
C ILE A 90 -5.77 5.20 0.10
N LEU A 91 -4.86 4.30 -0.26
CA LEU A 91 -4.22 4.30 -1.57
C LEU A 91 -4.75 3.09 -2.35
N LEU A 92 -4.86 3.24 -3.66
CA LEU A 92 -5.36 2.18 -4.52
C LEU A 92 -4.33 1.75 -5.57
N ALA A 93 -3.84 0.52 -5.47
CA ALA A 93 -2.92 0.02 -6.50
C ALA A 93 -3.61 -1.08 -7.30
N ILE A 94 -3.85 -0.84 -8.60
CA ILE A 94 -4.56 -1.82 -9.39
CA ILE A 94 -4.56 -1.82 -9.41
C ILE A 94 -3.73 -2.23 -10.62
N SER A 95 -3.70 -3.53 -10.87
CA SER A 95 -3.09 -4.08 -12.06
CA SER A 95 -3.10 -4.07 -12.07
C SER A 95 -4.20 -4.67 -12.93
N LEU A 96 -4.34 -4.10 -14.13
CA LEU A 96 -5.46 -4.40 -15.03
C LEU A 96 -5.03 -5.12 -16.29
N PRO A 97 -5.70 -6.24 -16.60
CA PRO A 97 -5.43 -6.93 -17.86
C PRO A 97 -5.91 -6.14 -19.07
N GLN A 98 -7.03 -5.45 -18.93
CA GLN A 98 -7.62 -4.71 -20.03
C GLN A 98 -8.22 -3.39 -19.55
N VAL A 99 -8.39 -2.46 -20.48
CA VAL A 99 -9.09 -1.21 -20.19
C VAL A 99 -10.52 -1.30 -20.71
N ASP A 100 -11.46 -1.39 -19.77
CA ASP A 100 -12.88 -1.58 -20.07
C ASP A 100 -13.67 -0.49 -19.32
N HIS A 101 -14.28 0.44 -20.06
CA HIS A 101 -14.95 1.59 -19.44
C HIS A 101 -16.08 1.20 -18.47
N GLU A 102 -16.94 0.27 -18.90
CA GLU A 102 -18.06 -0.15 -18.06
C GLU A 102 -17.55 -0.80 -16.76
N TRP A 103 -16.47 -1.58 -16.88
CA TRP A 103 -15.87 -2.20 -15.71
C TRP A 103 -15.28 -1.14 -14.79
N LEU A 104 -14.54 -0.20 -15.36
CA LEU A 104 -13.90 0.84 -14.55
C LEU A 104 -14.93 1.75 -13.87
N GLU A 105 -16.03 2.05 -14.55
CA GLU A 105 -17.10 2.82 -13.94
C GLU A 105 -17.65 2.09 -12.71
N GLY A 106 -17.95 0.81 -12.86
CA GLY A 106 -18.51 0.03 -11.77
C GLY A 106 -17.54 -0.15 -10.63
N PHE A 107 -16.30 -0.50 -10.97
CA PHE A 107 -15.26 -0.70 -9.98
C PHE A 107 -15.00 0.57 -9.17
N SER A 108 -14.80 1.69 -9.86
CA SER A 108 -14.57 2.95 -9.15
C SER A 108 -15.78 3.33 -8.30
N GLN A 109 -17.00 3.07 -8.79
CA GLN A 109 -18.19 3.38 -8.00
C GLN A 109 -18.18 2.57 -6.71
N GLY A 110 -17.71 1.33 -6.80
CA GLY A 110 -17.61 0.48 -5.61
C GLY A 110 -16.59 1.00 -4.61
N ILE A 111 -15.43 1.42 -5.12
CA ILE A 111 -14.39 2.02 -4.29
C ILE A 111 -14.99 3.20 -3.51
N TYR A 112 -15.63 4.11 -4.23
CA TYR A 112 -16.12 5.33 -3.63
C TYR A 112 -17.34 5.11 -2.72
N ASP A 113 -18.19 4.14 -3.07
CA ASP A 113 -19.32 3.83 -2.20
C ASP A 113 -18.83 3.36 -0.84
N CYS A 114 -17.79 2.53 -0.82
CA CYS A 114 -17.29 2.05 0.47
C CYS A 114 -16.60 3.19 1.20
N CYS A 115 -15.73 3.92 0.50
CA CYS A 115 -15.09 5.08 1.12
C CYS A 115 -16.09 6.07 1.71
N ASN A 116 -17.13 6.40 0.95
CA ASN A 116 -18.12 7.39 1.37
C ASN A 116 -18.92 6.90 2.59
N GLN A 117 -19.23 5.61 2.63
CA GLN A 117 -20.01 5.08 3.77
C GLN A 117 -19.24 5.26 5.07
N PHE A 118 -17.92 5.24 4.99
CA PHE A 118 -17.09 5.25 6.19
C PHE A 118 -16.19 6.49 6.31
N GLY A 119 -16.45 7.50 5.49
CA GLY A 119 -15.78 8.79 5.63
C GLY A 119 -14.30 8.75 5.32
N VAL A 120 -13.95 8.00 4.28
CA VAL A 120 -12.56 7.74 3.93
C VAL A 120 -12.24 8.43 2.60
N ALA A 121 -11.04 8.97 2.46
CA ALA A 121 -10.63 9.63 1.21
C ALA A 121 -9.67 8.77 0.40
N LEU A 122 -9.84 8.74 -0.92
CA LEU A 122 -8.89 8.10 -1.81
C LEU A 122 -7.84 9.14 -2.24
N ILE A 123 -6.60 8.99 -1.78
CA ILE A 123 -5.64 10.07 -1.92
C ILE A 123 -4.47 9.76 -2.83
N GLY A 124 -4.43 8.55 -3.36
CA GLY A 124 -3.33 8.16 -4.24
C GLY A 124 -3.37 6.69 -4.60
N GLY A 125 -2.33 6.26 -5.32
CA GLY A 125 -2.23 4.88 -5.73
C GLY A 125 -1.35 4.70 -6.95
N ASP A 126 -1.59 3.61 -7.67
CA ASP A 126 -0.81 3.30 -8.87
C ASP A 126 -1.69 2.46 -9.77
N THR A 127 -1.58 2.72 -11.07
CA THR A 127 -2.39 2.03 -12.04
C THR A 127 -1.48 1.40 -13.07
N THR A 128 -1.54 0.07 -13.20
CA THR A 128 -0.64 -0.62 -14.12
C THR A 128 -1.37 -1.65 -14.96
N GLN A 129 -0.70 -2.09 -16.02
CA GLN A 129 -1.16 -3.18 -16.86
C GLN A 129 -0.51 -4.47 -16.37
N GLY A 130 -1.27 -5.55 -16.30
CA GLY A 130 -0.74 -6.83 -15.89
C GLY A 130 -1.60 -7.94 -16.46
N PRO A 131 -1.11 -9.18 -16.45
CA PRO A 131 -1.86 -10.26 -17.09
C PRO A 131 -3.05 -10.74 -16.27
N HIS A 132 -3.09 -10.35 -15.00
CA HIS A 132 -4.12 -10.86 -14.10
C HIS A 132 -4.59 -9.76 -13.16
N LEU A 133 -5.90 -9.57 -13.07
CA LEU A 133 -6.45 -8.53 -12.20
C LEU A 133 -6.03 -8.72 -10.74
N THR A 134 -5.28 -7.76 -10.20
CA THR A 134 -4.74 -7.81 -8.84
C THR A 134 -4.89 -6.41 -8.22
N ILE A 135 -5.48 -6.35 -7.04
CA ILE A 135 -5.73 -5.08 -6.38
C ILE A 135 -5.09 -5.07 -5.01
N THR A 136 -4.32 -4.03 -4.72
CA THR A 136 -3.86 -3.85 -3.34
C THR A 136 -4.22 -2.47 -2.85
N VAL A 137 -5.05 -2.44 -1.81
CA VAL A 137 -5.38 -1.19 -1.15
C VAL A 137 -4.55 -1.06 0.12
N THR A 138 -4.00 0.13 0.34
CA THR A 138 -3.41 0.50 1.62
C THR A 138 -4.42 1.36 2.37
N ALA A 139 -4.68 1.04 3.64
CA ALA A 139 -5.56 1.90 4.44
C ALA A 139 -4.77 2.59 5.54
N MET A 140 -5.16 3.83 5.83
CA MET A 140 -4.56 4.65 6.86
CA MET A 140 -4.56 4.63 6.87
C MET A 140 -5.63 5.12 7.83
N GLY A 141 -5.34 4.96 9.12
CA GLY A 141 -6.24 5.46 10.15
C GLY A 141 -5.47 6.12 11.27
N TRP A 142 -6.19 6.64 12.26
CA TRP A 142 -5.55 7.34 13.35
C TRP A 142 -6.14 6.83 14.66
N ILE A 143 -5.30 6.75 15.68
CA ILE A 143 -5.81 6.40 17.00
C ILE A 143 -5.06 7.17 18.07
N GLU A 144 -5.78 7.51 19.14
CA GLU A 144 -5.20 8.15 20.29
C GLU A 144 -3.96 7.38 20.73
N THR A 145 -2.84 8.09 20.89
CA THR A 145 -1.55 7.44 21.13
C THR A 145 -1.60 6.45 22.30
N GLY A 146 -1.14 5.24 22.04
CA GLY A 146 -1.05 4.20 23.06
C GLY A 146 -2.31 3.38 23.26
N LYS A 147 -3.41 3.75 22.58
CA LYS A 147 -4.71 3.11 22.86
C LYS A 147 -5.12 2.02 21.87
N ALA A 148 -4.23 1.62 20.97
CA ALA A 148 -4.57 0.55 20.02
C ALA A 148 -4.94 -0.73 20.76
N VAL A 149 -5.89 -1.48 20.19
CA VAL A 149 -6.23 -2.82 20.69
C VAL A 149 -5.43 -3.85 19.91
N LEU A 150 -4.59 -4.59 20.62
CA LEU A 150 -3.65 -5.51 19.98
C LEU A 150 -4.23 -6.91 19.95
N ARG A 151 -3.54 -7.80 19.24
CA ARG A 151 -3.85 -9.23 19.34
C ARG A 151 -3.36 -9.84 20.65
N SER A 152 -2.38 -9.21 21.27
CA SER A 152 -1.97 -9.58 22.62
C SER A 152 -2.90 -8.88 23.61
N GLY A 153 -2.94 -9.38 24.84
CA GLY A 153 -3.70 -8.72 25.89
C GLY A 153 -4.84 -9.54 26.49
N ALA A 154 -5.22 -10.64 25.84
CA ALA A 154 -6.27 -11.52 26.38
C ALA A 154 -5.83 -12.12 27.70
N LYS A 155 -6.73 -12.15 28.67
CA LYS A 155 -6.41 -12.66 30.02
C LYS A 155 -7.37 -13.78 30.40
N VAL A 156 -6.88 -14.73 31.20
CA VAL A 156 -7.72 -15.82 31.71
C VAL A 156 -8.97 -15.25 32.37
N GLY A 157 -10.14 -15.78 32.01
CA GLY A 157 -11.40 -15.28 32.52
C GLY A 157 -12.13 -14.29 31.63
N ASP A 158 -11.41 -13.71 30.67
CA ASP A 158 -12.02 -12.81 29.70
C ASP A 158 -13.04 -13.55 28.83
N TYR A 159 -14.15 -12.88 28.52
CA TYR A 159 -15.08 -13.39 27.51
C TYR A 159 -14.47 -13.33 26.12
N VAL A 160 -14.75 -14.35 25.30
CA VAL A 160 -14.49 -14.30 23.87
C VAL A 160 -15.80 -13.91 23.18
N CYS A 161 -15.76 -12.89 22.32
CA CYS A 161 -16.95 -12.38 21.66
C CYS A 161 -16.72 -12.23 20.16
N VAL A 162 -17.81 -12.23 19.41
CA VAL A 162 -17.69 -11.91 17.98
C VAL A 162 -18.91 -11.12 17.55
N SER A 163 -18.69 -10.18 16.64
CA SER A 163 -19.77 -9.36 16.10
C SER A 163 -20.51 -10.06 14.96
N GLY A 164 -21.72 -9.58 14.68
CA GLY A 164 -22.49 -10.05 13.54
C GLY A 164 -22.74 -11.54 13.49
N GLN A 165 -22.56 -12.11 12.30
CA GLN A 165 -22.72 -13.54 12.06
C GLN A 165 -21.47 -14.10 11.42
N ILE A 166 -21.17 -15.37 11.69
CA ILE A 166 -20.01 -16.00 11.08
C ILE A 166 -20.48 -17.21 10.26
N GLY A 167 -19.83 -17.39 9.11
CA GLY A 167 -20.17 -18.48 8.23
C GLY A 167 -20.98 -18.08 7.02
N ASP A 168 -21.54 -16.87 7.03
CA ASP A 168 -22.41 -16.40 5.94
C ASP A 168 -21.67 -16.40 4.61
N ALA A 169 -20.52 -15.74 4.61
CA ALA A 169 -19.73 -15.57 3.38
C ALA A 169 -19.30 -16.90 2.79
N ALA A 170 -18.86 -17.83 3.66
CA ALA A 170 -18.41 -19.14 3.20
C ALA A 170 -19.56 -19.94 2.62
N TYR A 171 -20.73 -19.82 3.24
CA TYR A 171 -21.90 -20.50 2.69
C TYR A 171 -22.21 -19.89 1.34
N GLY A 172 -22.22 -18.57 1.27
CA GLY A 172 -22.48 -17.87 0.01
C GLY A 172 -21.57 -18.29 -1.12
N LEU A 173 -20.29 -18.45 -0.82
CA LEU A 173 -19.30 -18.82 -1.83
C LEU A 173 -19.61 -20.19 -2.42
N GLN A 174 -20.04 -21.12 -1.57
CA GLN A 174 -20.35 -22.46 -2.06
C GLN A 174 -21.74 -22.53 -2.68
N HIS A 175 -22.55 -21.51 -2.42
CA HIS A 175 -23.92 -21.48 -2.96
C HIS A 175 -24.14 -20.21 -3.77
N LEU A 176 -23.27 -19.95 -4.74
CA LEU A 176 -23.36 -18.71 -5.51
C LEU A 176 -24.76 -18.59 -6.12
N GLY A 177 -25.36 -17.42 -5.98
CA GLY A 177 -26.74 -17.21 -6.38
C GLY A 177 -27.67 -17.04 -5.18
N HIS A 178 -27.26 -17.58 -4.04
CA HIS A 178 -28.05 -17.52 -2.80
C HIS A 178 -27.96 -16.10 -2.23
N SER A 179 -28.95 -15.69 -1.46
CA SER A 179 -28.95 -14.37 -0.85
CA SER A 179 -28.93 -14.36 -0.86
CA SER A 179 -28.95 -14.37 -0.85
C SER A 179 -27.68 -14.13 -0.01
N LEU A 180 -27.15 -15.18 0.60
CA LEU A 180 -25.96 -15.02 1.44
C LEU A 180 -24.69 -14.72 0.64
N GLN A 181 -24.77 -14.79 -0.68
CA GLN A 181 -23.65 -14.32 -1.49
C GLN A 181 -23.40 -12.84 -1.21
N GLN A 182 -24.44 -12.13 -0.76
CA GLN A 182 -24.30 -10.71 -0.40
C GLN A 182 -23.22 -10.48 0.66
N ARG A 183 -23.06 -11.46 1.55
CA ARG A 183 -22.11 -11.37 2.64
C ARG A 183 -20.68 -11.67 2.14
N LEU A 184 -20.59 -12.43 1.06
CA LEU A 184 -19.32 -12.70 0.39
C LEU A 184 -18.86 -11.49 -0.41
N ASP A 185 -19.77 -10.96 -1.23
CA ASP A 185 -19.45 -9.85 -2.12
C ASP A 185 -19.34 -8.52 -1.39
N TYR A 186 -20.18 -8.32 -0.38
CA TYR A 186 -20.28 -7.03 0.33
C TYR A 186 -20.13 -7.19 1.85
N PRO A 187 -18.93 -7.56 2.30
CA PRO A 187 -18.74 -7.63 3.75
C PRO A 187 -18.84 -6.23 4.35
N THR A 188 -19.24 -6.13 5.61
CA THR A 188 -19.33 -4.83 6.27
C THR A 188 -18.18 -4.68 7.27
N PRO A 189 -17.23 -3.78 7.01
CA PRO A 189 -16.23 -3.56 8.07
C PRO A 189 -16.88 -2.93 9.28
N ARG A 190 -16.55 -3.41 10.48
CA ARG A 190 -17.25 -2.96 11.68
C ARG A 190 -16.54 -1.76 12.31
N CYS A 191 -16.52 -0.66 11.56
CA CYS A 191 -15.70 0.49 11.92
C CYS A 191 -16.14 1.13 13.22
N LYS A 192 -17.43 1.36 13.37
CA LYS A 192 -17.89 2.03 14.58
C LYS A 192 -17.70 1.12 15.80
N LEU A 193 -17.96 -0.18 15.63
CA LEU A 193 -17.76 -1.10 16.76
C LEU A 193 -16.30 -1.11 17.18
N GLY A 194 -15.38 -1.13 16.21
CA GLY A 194 -13.96 -1.08 16.50
C GLY A 194 -13.62 0.10 17.39
N GLU A 195 -14.14 1.27 17.04
CA GLU A 195 -13.85 2.46 17.84
C GLU A 195 -14.48 2.37 19.21
N GLU A 196 -15.62 1.70 19.31
CA GLU A 196 -16.31 1.63 20.59
C GLU A 196 -15.65 0.59 21.49
N LEU A 197 -14.73 -0.20 20.94
CA LEU A 197 -14.05 -1.21 21.74
C LEU A 197 -12.70 -0.71 22.25
N LYS A 198 -12.25 0.44 21.75
CA LYS A 198 -11.11 1.13 22.36
C LYS A 198 -11.40 1.37 23.84
N GLY A 199 -10.47 0.96 24.70
CA GLY A 199 -10.65 1.13 26.13
C GLY A 199 -11.49 0.05 26.81
N LEU A 200 -12.12 -0.82 26.02
CA LEU A 200 -12.93 -1.90 26.57
C LEU A 200 -12.39 -3.30 26.23
N ALA A 201 -12.06 -3.55 24.96
CA ALA A 201 -11.54 -4.86 24.58
C ALA A 201 -10.11 -5.06 25.09
N SER A 202 -9.82 -6.25 25.61
CA SER A 202 -8.47 -6.58 26.05
C SER A 202 -7.60 -7.08 24.90
N SER A 203 -8.23 -7.54 23.81
CA SER A 203 -7.53 -7.94 22.58
C SER A 203 -8.56 -8.02 21.46
N MET A 204 -8.09 -8.00 20.21
CA MET A 204 -9.01 -7.99 19.07
C MET A 204 -8.32 -8.37 17.77
N ILE A 205 -9.07 -9.00 16.87
CA ILE A 205 -8.63 -9.33 15.52
C ILE A 205 -9.84 -9.31 14.61
N ASP A 206 -9.69 -9.05 13.31
CA ASP A 206 -10.84 -9.22 12.43
C ASP A 206 -10.80 -10.61 11.81
N VAL A 207 -11.99 -11.17 11.61
CA VAL A 207 -12.12 -12.55 11.14
C VAL A 207 -12.13 -12.58 9.62
N SER A 208 -10.94 -12.58 9.05
CA SER A 208 -10.79 -12.63 7.59
C SER A 208 -10.52 -14.05 7.08
N ASP A 209 -9.89 -14.88 7.90
CA ASP A 209 -9.51 -16.21 7.45
C ASP A 209 -10.43 -17.28 8.00
N GLY A 210 -11.02 -17.02 9.16
CA GLY A 210 -11.87 -18.00 9.82
C GLY A 210 -11.75 -17.83 11.32
N LEU A 211 -12.86 -17.99 12.04
CA LEU A 211 -12.87 -17.70 13.47
CA LEU A 211 -12.88 -17.71 13.49
C LEU A 211 -11.81 -18.47 14.25
N ALA A 212 -11.70 -19.77 14.00
CA ALA A 212 -10.77 -20.59 14.79
C ALA A 212 -9.33 -20.14 14.55
N GLN A 213 -9.00 -19.91 13.29
CA GLN A 213 -7.65 -19.52 12.93
C GLN A 213 -7.31 -18.14 13.50
N ASP A 214 -8.23 -17.19 13.33
CA ASP A 214 -7.94 -15.81 13.73
C ASP A 214 -7.99 -15.64 15.25
N LEU A 215 -8.94 -16.27 15.93
CA LEU A 215 -8.87 -16.31 17.39
C LEU A 215 -7.53 -16.94 17.81
N GLY A 216 -7.07 -17.91 17.05
CA GLY A 216 -5.81 -18.58 17.32
C GLY A 216 -4.64 -17.60 17.38
N HIS A 217 -4.64 -16.58 16.52
CA HIS A 217 -3.57 -15.57 16.56
C HIS A 217 -3.59 -14.80 17.87
N ILE A 218 -4.79 -14.51 18.38
CA ILE A 218 -4.92 -13.87 19.69
C ILE A 218 -4.39 -14.80 20.79
N LEU A 219 -4.77 -16.08 20.73
CA LEU A 219 -4.35 -17.03 21.75
C LEU A 219 -2.83 -17.16 21.77
N LYS A 220 -2.23 -17.21 20.58
CA LYS A 220 -0.77 -17.34 20.50
C LYS A 220 -0.06 -16.07 21.01
N ALA A 221 -0.55 -14.90 20.59
CA ALA A 221 0.03 -13.63 21.01
C ALA A 221 -0.15 -13.38 22.51
N SER A 222 -1.26 -13.84 23.06
CA SER A 222 -1.56 -13.63 24.48
C SER A 222 -1.10 -14.77 25.41
N LYS A 223 -0.63 -15.86 24.82
CA LYS A 223 -0.19 -17.07 25.53
C LYS A 223 -1.27 -17.60 26.48
N VAL A 224 -2.46 -17.73 25.92
CA VAL A 224 -3.63 -18.29 26.60
C VAL A 224 -4.36 -19.24 25.66
N GLY A 225 -5.40 -19.90 26.17
CA GLY A 225 -6.26 -20.71 25.31
C GLY A 225 -7.69 -20.24 25.39
N ALA A 226 -8.61 -20.98 24.78
CA ALA A 226 -10.01 -20.63 24.88
C ALA A 226 -10.89 -21.85 24.75
N ARG A 227 -12.06 -21.76 25.37
CA ARG A 227 -13.07 -22.79 25.26
C ARG A 227 -14.30 -22.13 24.67
N LEU A 228 -14.70 -22.56 23.48
CA LEU A 228 -15.85 -22.00 22.80
C LEU A 228 -17.07 -22.90 22.96
N ILE A 229 -18.25 -22.29 23.03
CA ILE A 229 -19.49 -23.02 23.14
C ILE A 229 -20.12 -23.03 21.76
N LEU A 230 -20.15 -24.20 21.13
CA LEU A 230 -20.54 -24.29 19.74
C LEU A 230 -21.95 -23.79 19.48
N GLU A 231 -22.90 -24.09 20.37
CA GLU A 231 -24.29 -23.69 20.14
C GLU A 231 -24.50 -22.19 20.37
N LYS A 232 -23.48 -21.48 20.83
CA LYS A 232 -23.55 -20.02 20.99
CA LYS A 232 -23.57 -20.02 20.98
C LYS A 232 -23.03 -19.27 19.77
N LEU A 233 -22.37 -19.97 18.83
CA LEU A 233 -21.83 -19.28 17.66
C LEU A 233 -22.97 -18.64 16.86
N PRO A 234 -22.83 -17.35 16.50
CA PRO A 234 -23.93 -16.66 15.83
C PRO A 234 -23.98 -16.95 14.33
N VAL A 235 -24.88 -17.84 13.93
CA VAL A 235 -24.98 -18.20 12.52
C VAL A 235 -26.33 -17.79 11.97
N ASP A 236 -26.40 -17.66 10.65
CA ASP A 236 -27.63 -17.29 9.98
C ASP A 236 -28.66 -18.38 10.17
N PRO A 237 -29.95 -17.99 10.22
CA PRO A 237 -31.02 -18.99 10.24
C PRO A 237 -30.87 -20.07 9.16
N VAL A 238 -30.33 -19.71 7.99
CA VAL A 238 -30.11 -20.70 6.94
C VAL A 238 -29.14 -21.78 7.42
N LEU A 239 -28.10 -21.39 8.15
CA LEU A 239 -27.10 -22.35 8.61
C LEU A 239 -27.59 -23.12 9.83
N GLN A 240 -28.53 -22.52 10.56
CA GLN A 240 -29.17 -23.20 11.69
C GLN A 240 -29.91 -24.46 11.22
N GLN A 241 -30.31 -24.49 9.95
CA GLN A 241 -31.02 -25.63 9.36
C GLN A 241 -30.12 -26.71 8.75
N ILE A 242 -28.81 -26.48 8.74
CA ILE A 242 -27.82 -27.43 8.25
C ILE A 242 -27.41 -28.38 9.37
N GLU A 243 -27.02 -29.61 9.03
CA GLU A 243 -26.45 -30.54 10.00
C GLU A 243 -25.35 -29.85 10.79
N GLU A 244 -25.33 -30.07 12.11
CA GLU A 244 -24.52 -29.23 12.99
C GLU A 244 -23.01 -29.25 12.70
N GLN A 245 -22.46 -30.39 12.29
CA GLN A 245 -21.04 -30.47 12.01
C GLN A 245 -20.61 -29.52 10.89
N GLN A 246 -21.39 -29.50 9.81
CA GLN A 246 -21.08 -28.63 8.68
C GLN A 246 -21.38 -27.16 9.00
N ARG A 247 -22.41 -26.95 9.82
CA ARG A 247 -22.71 -25.63 10.35
C ARG A 247 -21.50 -25.05 11.06
N TRP A 248 -20.90 -25.85 11.94
CA TRP A 248 -19.81 -25.37 12.75
C TRP A 248 -18.52 -25.21 11.92
N GLN A 249 -18.36 -26.03 10.88
CA GLN A 249 -17.24 -25.85 9.95
C GLN A 249 -17.33 -24.52 9.20
N TYR A 250 -18.52 -24.16 8.74
CA TYR A 250 -18.69 -22.85 8.11
C TYR A 250 -18.36 -21.75 9.11
N ALA A 251 -18.82 -21.92 10.34
CA ALA A 251 -18.67 -20.87 11.33
C ALA A 251 -17.22 -20.73 11.78
N LEU A 252 -16.54 -21.84 11.97
CA LEU A 252 -15.20 -21.79 12.54
C LEU A 252 -14.09 -21.70 11.50
N ALA A 253 -14.36 -22.20 10.30
CA ALA A 253 -13.31 -22.24 9.29
C ALA A 253 -13.70 -21.60 7.98
N GLY A 254 -14.89 -21.02 7.92
CA GLY A 254 -15.36 -20.43 6.67
C GLY A 254 -14.53 -19.25 6.18
N GLY A 255 -14.30 -18.29 7.05
CA GLY A 255 -13.56 -17.09 6.64
C GLY A 255 -14.32 -16.11 5.76
N ASP A 256 -13.64 -15.00 5.43
CA ASP A 256 -14.24 -13.86 4.73
C ASP A 256 -15.43 -13.25 5.46
N ASP A 257 -15.50 -13.40 6.79
CA ASP A 257 -16.60 -12.81 7.55
C ASP A 257 -16.44 -11.31 7.72
N TYR A 258 -15.19 -10.91 8.01
CA TYR A 258 -14.83 -9.53 8.33
C TYR A 258 -15.66 -8.99 9.47
N GLU A 259 -15.87 -9.87 10.45
CA GLU A 259 -16.41 -9.49 11.76
C GLU A 259 -15.26 -9.27 12.71
N LEU A 260 -15.53 -8.67 13.87
CA LEU A 260 -14.49 -8.51 14.89
C LEU A 260 -14.65 -9.58 15.96
N CYS A 261 -13.56 -10.25 16.26
CA CYS A 261 -13.49 -11.17 17.38
C CYS A 261 -12.63 -10.51 18.45
N PHE A 262 -13.13 -10.43 19.68
CA PHE A 262 -12.39 -9.70 20.68
C PHE A 262 -12.55 -10.37 22.04
N THR A 263 -11.60 -10.10 22.93
CA THR A 263 -11.72 -10.55 24.32
C THR A 263 -12.02 -9.35 25.22
N ILE A 264 -12.64 -9.61 26.35
CA ILE A 264 -13.17 -8.52 27.16
C ILE A 264 -13.53 -9.06 28.54
N THR A 265 -13.25 -8.29 29.59
CA THR A 265 -13.62 -8.72 30.94
C THR A 265 -15.14 -8.69 31.07
N PRO A 266 -15.69 -9.52 31.99
CA PRO A 266 -17.13 -9.49 32.21
C PRO A 266 -17.62 -8.08 32.55
N GLN A 267 -16.81 -7.37 33.33
CA GLN A 267 -17.14 -6.01 33.76
C GLN A 267 -17.22 -5.08 32.56
N ASN A 268 -16.27 -5.21 31.64
CA ASN A 268 -16.24 -4.33 30.49
C ASN A 268 -17.28 -4.76 29.44
N TYR A 269 -17.65 -6.04 29.45
CA TYR A 269 -18.74 -6.51 28.58
C TYR A 269 -20.06 -5.84 28.92
N GLU A 270 -20.35 -5.77 30.23
CA GLU A 270 -21.53 -5.06 30.71
C GLU A 270 -21.54 -3.62 30.22
N LYS A 271 -20.40 -2.95 30.31
CA LYS A 271 -20.27 -1.59 29.82
C LYS A 271 -20.55 -1.50 28.32
N LEU A 272 -20.01 -2.46 27.57
CA LEU A 272 -20.22 -2.50 26.12
C LEU A 272 -21.70 -2.58 25.79
N LEU A 273 -22.41 -3.48 26.47
CA LEU A 273 -23.83 -3.70 26.17
C LEU A 273 -24.68 -2.46 26.47
N GLN A 274 -24.16 -1.54 27.27
CA GLN A 274 -24.88 -0.31 27.58
C GLN A 274 -24.79 0.70 26.43
N LYS A 275 -23.85 0.50 25.51
CA LYS A 275 -23.72 1.40 24.37
C LYS A 275 -24.77 1.08 23.32
N GLN A 276 -25.05 2.06 22.46
CA GLN A 276 -25.91 1.81 21.30
C GLN A 276 -25.00 1.37 20.16
N LEU A 277 -25.06 0.10 19.81
CA LEU A 277 -24.17 -0.42 18.76
C LEU A 277 -24.93 -0.69 17.46
N ASP A 278 -24.23 -0.61 16.34
CA ASP A 278 -24.85 -0.81 15.02
C ASP A 278 -24.70 -2.25 14.54
N VAL A 279 -24.41 -3.16 15.46
CA VAL A 279 -24.20 -4.55 15.10
C VAL A 279 -24.45 -5.47 16.29
N LYS A 280 -24.91 -6.68 16.01
CA LYS A 280 -25.02 -7.75 17.00
C LYS A 280 -23.67 -8.09 17.64
N ILE A 281 -23.68 -8.37 18.95
CA ILE A 281 -22.49 -8.84 19.69
C ILE A 281 -22.86 -10.14 20.40
N THR A 282 -22.03 -11.18 20.28
CA THR A 282 -22.35 -12.46 20.92
C THR A 282 -21.20 -12.97 21.75
N MET A 283 -21.45 -13.38 22.98
CA MET A 283 -20.40 -14.01 23.78
C MET A 283 -20.38 -15.50 23.44
N ILE A 284 -19.22 -16.01 23.05
CA ILE A 284 -19.14 -17.38 22.51
C ILE A 284 -18.20 -18.31 23.29
N GLY A 285 -17.62 -17.81 24.37
CA GLY A 285 -16.76 -18.63 25.19
C GLY A 285 -15.90 -17.78 26.08
N GLN A 286 -14.82 -18.36 26.60
CA GLN A 286 -13.95 -17.55 27.42
C GLN A 286 -12.51 -18.02 27.39
N ILE A 287 -11.61 -17.12 27.80
CA ILE A 287 -10.18 -17.39 27.77
C ILE A 287 -9.80 -18.26 28.97
N VAL A 288 -8.96 -19.27 28.75
CA VAL A 288 -8.55 -20.18 29.80
C VAL A 288 -7.03 -20.26 29.87
N GLU A 289 -6.52 -20.82 30.96
CA GLU A 289 -5.07 -20.88 31.17
C GLU A 289 -4.39 -21.83 30.20
N GLN A 290 -4.91 -23.05 30.04
CA GLN A 290 -4.25 -24.03 29.17
C GLN A 290 -4.21 -23.51 27.74
N THR A 291 -3.06 -23.65 27.10
CA THR A 291 -2.84 -23.01 25.81
C THR A 291 -3.35 -23.85 24.66
N LYS A 292 -4.66 -24.07 24.65
CA LYS A 292 -5.32 -24.84 23.62
C LYS A 292 -6.67 -24.23 23.30
N LEU A 293 -7.10 -24.33 22.04
CA LEU A 293 -8.47 -24.00 21.65
C LEU A 293 -9.32 -25.27 21.72
N THR A 294 -10.36 -25.25 22.53
CA THR A 294 -11.21 -26.42 22.69
C THR A 294 -12.66 -26.02 22.53
N PHE A 295 -13.53 -27.02 22.35
CA PHE A 295 -14.93 -26.75 22.08
C PHE A 295 -15.82 -27.52 23.01
N GLU A 296 -16.95 -26.92 23.33
CA GLU A 296 -17.94 -27.54 24.21
C GLU A 296 -19.29 -27.53 23.51
N HIS A 297 -20.08 -28.57 23.71
CA HIS A 297 -21.39 -28.63 23.09
C HIS A 297 -22.34 -29.27 24.08
N LEU A 298 -23.42 -28.58 24.40
CA LEU A 298 -24.42 -29.09 25.33
C LEU A 298 -23.80 -29.45 26.68
N GLY A 299 -22.81 -28.67 27.09
CA GLY A 299 -22.20 -28.81 28.41
C GLY A 299 -21.07 -29.82 28.49
N SER A 300 -20.79 -30.50 27.39
CA SER A 300 -19.74 -31.52 27.35
C SER A 300 -18.62 -31.15 26.38
N ASP A 301 -17.42 -31.63 26.68
CA ASP A 301 -16.31 -31.56 25.74
C ASP A 301 -16.74 -32.07 24.38
N TYR A 302 -16.32 -31.37 23.33
CA TYR A 302 -16.68 -31.77 21.99
C TYR A 302 -15.47 -31.75 21.06
N PRO A 303 -14.83 -32.92 20.88
CA PRO A 303 -13.69 -33.05 19.96
C PRO A 303 -14.06 -32.60 18.56
N LEU A 304 -13.29 -31.67 18.01
CA LEU A 304 -13.58 -31.14 16.70
C LEU A 304 -12.29 -30.70 16.01
N GLN A 305 -12.10 -31.16 14.78
CA GLN A 305 -10.96 -30.76 13.97
C GLN A 305 -11.40 -29.77 12.90
N ILE A 306 -10.73 -28.63 12.84
CA ILE A 306 -11.04 -27.60 11.85
C ILE A 306 -10.25 -27.86 10.56
N GLU B 11 2.34 -19.63 4.42
CA GLU B 11 2.16 -18.20 4.20
C GLU B 11 2.48 -17.41 5.46
N PHE B 12 1.97 -17.88 6.60
CA PHE B 12 2.30 -17.27 7.89
C PHE B 12 3.74 -17.60 8.25
N SER B 13 4.18 -18.79 7.85
CA SER B 13 5.57 -19.17 8.06
C SER B 13 6.45 -18.38 7.09
N ILE B 14 5.95 -18.09 5.90
CA ILE B 14 6.70 -17.27 4.93
C ILE B 14 7.06 -15.93 5.53
N ILE B 15 6.08 -15.29 6.17
CA ILE B 15 6.29 -14.01 6.82
C ILE B 15 7.36 -14.13 7.90
N ASP B 16 7.24 -15.12 8.78
CA ASP B 16 8.18 -15.27 9.88
C ASP B 16 9.56 -15.66 9.37
N GLN B 17 9.61 -16.45 8.30
CA GLN B 17 10.87 -16.94 7.79
C GLN B 17 11.67 -15.84 7.08
N TYR B 18 10.99 -14.99 6.32
CA TYR B 18 11.70 -14.08 5.43
C TYR B 18 11.44 -12.61 5.69
N PHE B 19 10.30 -12.28 6.29
CA PHE B 19 9.92 -10.86 6.40
C PHE B 19 9.59 -10.42 7.81
N ASN B 20 10.35 -10.88 8.80
CA ASN B 20 10.05 -10.48 10.17
C ASN B 20 11.33 -10.25 10.99
N ARG B 21 12.27 -9.52 10.40
CA ARG B 21 13.44 -9.02 11.14
C ARG B 21 12.97 -8.00 12.18
N GLN B 22 13.67 -7.96 13.32
CA GLN B 22 13.29 -7.09 14.43
C GLN B 22 13.05 -5.65 13.95
N SER B 23 11.94 -5.05 14.37
CA SER B 23 11.59 -3.71 13.92
C SER B 23 12.46 -2.66 14.62
N HIS B 24 12.63 -1.51 13.97
CA HIS B 24 13.44 -0.39 14.49
C HIS B 24 12.88 0.13 15.81
N PRO B 25 13.72 0.77 16.63
CA PRO B 25 13.13 1.37 17.84
C PRO B 25 12.16 2.50 17.49
N ASP B 26 12.30 3.04 16.28
CA ASP B 26 11.46 4.14 15.81
C ASP B 26 10.12 3.68 15.27
N VAL B 27 9.74 2.43 15.55
CA VAL B 27 8.45 1.93 15.11
C VAL B 27 7.62 1.44 16.31
N ALA B 28 6.47 2.09 16.54
CA ALA B 28 5.65 1.80 17.71
C ALA B 28 5.13 0.37 17.69
N LEU B 29 4.67 -0.06 16.53
CA LEU B 29 4.28 -1.46 16.37
C LEU B 29 4.55 -1.94 14.95
N GLY B 30 5.45 -2.91 14.82
CA GLY B 30 5.78 -3.47 13.51
C GLY B 30 4.97 -4.72 13.23
N ILE B 31 5.55 -5.61 12.44
CA ILE B 31 4.85 -6.80 11.91
C ILE B 31 4.29 -7.67 13.03
N GLY B 32 3.06 -8.16 12.84
CA GLY B 32 2.47 -9.08 13.79
C GLY B 32 1.01 -8.84 14.12
N ASP B 33 0.50 -7.66 13.80
CA ASP B 33 -0.86 -7.33 14.18
C ASP B 33 -1.67 -6.97 12.94
N ASP B 34 -2.92 -6.54 13.11
CA ASP B 34 -3.73 -6.25 11.92
C ASP B 34 -3.26 -5.04 11.15
N SER B 35 -2.71 -4.06 11.86
CA SER B 35 -2.08 -2.89 11.25
C SER B 35 -0.77 -2.62 11.96
N ALA B 36 0.08 -1.80 11.34
CA ALA B 36 1.27 -1.27 12.03
C ALA B 36 0.93 0.07 12.65
N LEU B 37 1.72 0.48 13.63
CA LEU B 37 1.53 1.78 14.29
C LEU B 37 2.80 2.62 14.23
N ILE B 38 2.65 3.89 13.89
CA ILE B 38 3.78 4.82 13.85
C ILE B 38 3.43 6.08 14.64
N THR B 39 4.31 6.48 15.55
CA THR B 39 4.16 7.76 16.25
C THR B 39 4.78 8.85 15.40
N PRO B 40 3.97 9.82 14.93
CA PRO B 40 4.54 10.88 14.09
C PRO B 40 5.58 11.73 14.81
N PRO B 41 6.66 12.10 14.11
CA PRO B 41 7.51 13.16 14.66
C PRO B 41 6.75 14.49 14.68
N PRO B 42 7.05 15.37 15.63
CA PRO B 42 6.30 16.62 15.73
C PRO B 42 6.51 17.57 14.55
N ASN B 43 5.48 18.33 14.21
CA ASN B 43 5.55 19.39 13.20
C ASN B 43 5.96 18.87 11.84
N GLN B 44 5.55 17.65 11.52
CA GLN B 44 5.84 17.11 10.21
C GLN B 44 4.60 16.49 9.60
N GLN B 45 4.53 16.51 8.27
CA GLN B 45 3.43 15.85 7.54
C GLN B 45 3.83 14.45 7.09
N LEU B 46 2.83 13.57 7.01
CA LEU B 46 3.00 12.25 6.42
C LEU B 46 3.03 12.34 4.89
N VAL B 47 4.01 11.66 4.31
CA VAL B 47 4.23 11.60 2.88
C VAL B 47 4.05 10.13 2.49
N ILE B 48 3.13 9.83 1.58
CA ILE B 48 2.83 8.41 1.34
C ILE B 48 2.57 8.13 -0.12
N CYS B 49 3.12 7.00 -0.60
CA CYS B 49 3.00 6.64 -2.00
C CYS B 49 3.00 5.12 -2.15
N ALA B 50 2.56 4.63 -3.33
CA ALA B 50 2.65 3.21 -3.63
C ALA B 50 2.86 3.01 -5.12
N ASP B 51 3.65 1.99 -5.46
CA ASP B 51 3.98 1.66 -6.84
C ASP B 51 4.04 0.15 -6.97
N THR B 52 3.47 -0.35 -8.05
CA THR B 52 3.42 -1.76 -8.35
C THR B 52 4.46 -2.16 -9.38
N LEU B 53 5.07 -3.33 -9.18
CA LEU B 53 5.97 -3.93 -10.17
C LEU B 53 5.39 -5.27 -10.61
N VAL B 54 5.11 -5.38 -11.91
CA VAL B 54 4.54 -6.59 -12.51
C VAL B 54 5.64 -7.35 -13.24
N ALA B 55 5.82 -8.63 -12.93
CA ALA B 55 6.86 -9.42 -13.57
C ALA B 55 6.72 -9.45 -15.08
N GLY B 56 7.82 -9.24 -15.79
CA GLY B 56 7.80 -9.24 -17.24
C GLY B 56 7.43 -7.89 -17.83
N ARG B 57 6.88 -7.00 -17.01
CA ARG B 57 6.53 -5.66 -17.46
C ARG B 57 7.47 -4.62 -16.83
N HIS B 58 7.55 -4.61 -15.51
CA HIS B 58 8.40 -3.64 -14.83
C HIS B 58 9.81 -4.18 -14.60
N PHE B 59 9.99 -5.46 -14.89
CA PHE B 59 11.32 -6.07 -14.89
C PHE B 59 11.28 -7.32 -15.74
N PRO B 60 12.40 -7.64 -16.42
CA PRO B 60 12.50 -8.86 -17.21
C PRO B 60 12.18 -10.09 -16.37
N LEU B 61 11.55 -11.10 -16.96
CA LEU B 61 11.18 -12.30 -16.22
C LEU B 61 12.38 -12.98 -15.54
N GLU B 62 13.55 -12.87 -16.14
CA GLU B 62 14.72 -13.56 -15.62
C GLU B 62 15.51 -12.76 -14.58
N THR B 63 14.97 -11.63 -14.13
CA THR B 63 15.66 -10.77 -13.16
C THR B 63 15.91 -11.53 -11.86
N SER B 64 17.09 -11.38 -11.28
CA SER B 64 17.41 -12.05 -10.02
C SER B 64 16.45 -11.62 -8.91
N PRO B 65 16.09 -12.55 -8.01
CA PRO B 65 15.17 -12.17 -6.92
C PRO B 65 15.71 -11.03 -6.07
N HIS B 66 17.03 -10.97 -5.86
CA HIS B 66 17.61 -9.90 -5.08
C HIS B 66 17.39 -8.55 -5.77
N ALA B 67 17.58 -8.49 -7.08
CA ALA B 67 17.33 -7.24 -7.81
C ALA B 67 15.84 -6.87 -7.80
N ILE B 68 14.96 -7.85 -7.87
CA ILE B 68 13.52 -7.57 -7.82
C ILE B 68 13.16 -6.93 -6.47
N GLY B 69 13.73 -7.48 -5.40
CA GLY B 69 13.47 -6.97 -4.07
C GLY B 69 13.99 -5.56 -3.90
N TRP B 70 15.21 -5.32 -4.37
CA TRP B 70 15.82 -4.00 -4.29
C TRP B 70 14.96 -2.97 -5.01
N LYS B 71 14.65 -3.24 -6.28
CA LYS B 71 13.96 -2.25 -7.08
C LYS B 71 12.52 -2.01 -6.57
N SER B 72 11.88 -3.05 -6.02
CA SER B 72 10.56 -2.87 -5.44
C SER B 72 10.55 -1.78 -4.36
N VAL B 73 11.60 -1.72 -3.56
CA VAL B 73 11.73 -0.67 -2.55
C VAL B 73 12.18 0.65 -3.20
N ALA B 74 13.20 0.57 -4.04
CA ALA B 74 13.85 1.76 -4.57
C ALA B 74 12.89 2.66 -5.32
N VAL B 75 11.99 2.07 -6.10
CA VAL B 75 11.13 2.94 -6.94
C VAL B 75 10.14 3.69 -6.07
N ASN B 76 9.85 3.16 -4.90
CA ASN B 76 8.94 3.83 -3.98
C ASN B 76 9.66 4.88 -3.15
N LEU B 77 10.90 4.59 -2.74
CA LEU B 77 11.68 5.61 -2.06
C LEU B 77 11.89 6.82 -2.99
N SER B 78 11.94 6.55 -4.29
CA SER B 78 12.15 7.62 -5.27
C SER B 78 11.01 8.64 -5.22
N ASP B 79 9.79 8.17 -5.04
CA ASP B 79 8.63 9.08 -4.95
C ASP B 79 8.54 9.84 -3.63
N ILE B 80 9.08 9.27 -2.55
CA ILE B 80 9.25 10.05 -1.31
C ILE B 80 10.29 11.15 -1.53
N ALA B 81 11.41 10.79 -2.16
CA ALA B 81 12.49 11.75 -2.42
C ALA B 81 12.02 12.87 -3.35
N ALA B 82 11.11 12.54 -4.26
CA ALA B 82 10.64 13.54 -5.23
C ALA B 82 9.79 14.62 -4.57
N MET B 83 9.43 14.43 -3.30
CA MET B 83 8.70 15.44 -2.51
C MET B 83 9.63 16.24 -1.61
N GLY B 84 10.91 15.84 -1.56
CA GLY B 84 11.86 16.48 -0.66
C GLY B 84 11.79 15.93 0.76
N ALA B 85 11.12 14.80 0.92
CA ALA B 85 10.86 14.19 2.24
C ALA B 85 11.90 13.15 2.65
N LYS B 86 11.88 12.75 3.91
CA LYS B 86 12.77 11.73 4.41
C LYS B 86 12.00 10.42 4.60
N PRO B 87 12.43 9.37 3.90
CA PRO B 87 11.72 8.09 4.01
C PRO B 87 11.87 7.46 5.40
N HIS B 88 10.83 6.75 5.80
CA HIS B 88 10.76 6.20 7.15
C HIS B 88 10.49 4.69 7.13
N SER B 89 9.42 4.28 6.46
CA SER B 89 9.05 2.86 6.47
C SER B 89 8.27 2.44 5.22
N ILE B 90 8.13 1.13 5.05
CA ILE B 90 7.40 0.57 3.92
C ILE B 90 6.49 -0.57 4.35
N LEU B 91 5.47 -0.80 3.53
CA LEU B 91 4.66 -2.01 3.56
CA LEU B 91 4.64 -2.00 3.54
C LEU B 91 4.95 -2.80 2.29
N LEU B 92 4.90 -4.12 2.41
CA LEU B 92 5.20 -4.99 1.28
C LEU B 92 4.02 -5.90 0.95
N ALA B 93 3.40 -5.71 -0.21
CA ALA B 93 2.34 -6.61 -0.63
C ALA B 93 2.84 -7.43 -1.82
N ILE B 94 2.91 -8.75 -1.65
CA ILE B 94 3.45 -9.57 -2.71
C ILE B 94 2.48 -10.68 -3.05
N SER B 95 2.24 -10.87 -4.35
CA SER B 95 1.47 -12.01 -4.83
CA SER B 95 1.48 -12.00 -4.83
C SER B 95 2.42 -12.97 -5.53
N LEU B 96 2.52 -14.19 -5.01
CA LEU B 96 3.50 -15.17 -5.47
C LEU B 96 2.87 -16.34 -6.19
N PRO B 97 3.42 -16.71 -7.35
CA PRO B 97 2.99 -17.95 -8.02
C PRO B 97 3.42 -19.21 -7.26
N GLN B 98 4.63 -19.21 -6.72
CA GLN B 98 5.17 -20.40 -6.07
C GLN B 98 5.92 -20.06 -4.79
N VAL B 99 6.13 -21.05 -3.93
CA VAL B 99 6.96 -20.86 -2.75
C VAL B 99 8.31 -21.54 -2.97
N ASP B 100 9.32 -20.71 -3.23
CA ASP B 100 10.67 -21.13 -3.56
C ASP B 100 11.64 -20.54 -2.54
N HIS B 101 12.31 -21.37 -1.74
CA HIS B 101 13.15 -20.86 -0.65
C HIS B 101 14.28 -19.97 -1.16
N GLU B 102 15.03 -20.47 -2.15
CA GLU B 102 16.15 -19.72 -2.70
C GLU B 102 15.65 -18.37 -3.24
N TRP B 103 14.49 -18.37 -3.89
CA TRP B 103 13.95 -17.14 -4.45
C TRP B 103 13.54 -16.21 -3.31
N LEU B 104 12.80 -16.73 -2.34
CA LEU B 104 12.38 -15.90 -1.21
C LEU B 104 13.54 -15.36 -0.40
N GLU B 105 14.61 -16.13 -0.27
CA GLU B 105 15.78 -15.65 0.47
C GLU B 105 16.43 -14.49 -0.27
N GLY B 106 16.64 -14.63 -1.58
CA GLY B 106 17.18 -13.56 -2.39
C GLY B 106 16.29 -12.32 -2.42
N PHE B 107 15.00 -12.54 -2.59
CA PHE B 107 14.07 -11.42 -2.68
C PHE B 107 14.03 -10.63 -1.37
N SER B 108 13.90 -11.32 -0.24
CA SER B 108 13.87 -10.64 1.05
C SER B 108 15.20 -9.94 1.34
N GLN B 109 16.31 -10.55 0.92
CA GLN B 109 17.61 -9.91 1.07
C GLN B 109 17.66 -8.60 0.28
N GLY B 110 17.08 -8.61 -0.92
CA GLY B 110 16.99 -7.42 -1.74
C GLY B 110 16.15 -6.31 -1.10
N ILE B 111 15.00 -6.69 -0.57
CA ILE B 111 14.13 -5.78 0.18
C ILE B 111 14.91 -5.13 1.31
N TYR B 112 15.53 -5.95 2.16
CA TYR B 112 16.20 -5.42 3.34
C TYR B 112 17.48 -4.65 3.00
N ASP B 113 18.22 -5.09 1.99
CA ASP B 113 19.41 -4.36 1.58
C ASP B 113 19.06 -2.90 1.22
N CYS B 114 17.95 -2.71 0.51
CA CYS B 114 17.58 -1.36 0.09
C CYS B 114 17.07 -0.57 1.29
N CYS B 115 16.21 -1.20 2.10
CA CYS B 115 15.75 -0.56 3.34
C CYS B 115 16.93 -0.13 4.22
N ASN B 116 17.88 -1.04 4.46
CA ASN B 116 19.00 -0.72 5.32
C ASN B 116 19.89 0.38 4.74
N GLN B 117 20.06 0.40 3.43
CA GLN B 117 20.88 1.46 2.82
C GLN B 117 20.35 2.85 3.15
N PHE B 118 19.03 2.95 3.27
CA PHE B 118 18.38 4.25 3.42
C PHE B 118 17.65 4.44 4.75
N GLY B 119 17.93 3.53 5.68
CA GLY B 119 17.47 3.68 7.06
C GLY B 119 15.97 3.54 7.20
N VAL B 120 15.40 2.64 6.40
CA VAL B 120 13.94 2.46 6.31
C VAL B 120 13.53 1.15 6.97
N ALA B 121 12.37 1.15 7.64
CA ALA B 121 11.88 -0.05 8.32
C ALA B 121 10.78 -0.74 7.51
N LEU B 122 10.81 -2.07 7.48
CA LEU B 122 9.68 -2.83 6.91
C LEU B 122 8.72 -3.16 8.05
N ILE B 123 7.52 -2.57 8.02
CA ILE B 123 6.62 -2.62 9.19
C ILE B 123 5.34 -3.40 8.98
N GLY B 124 5.10 -3.88 7.76
CA GLY B 124 3.87 -4.59 7.46
C GLY B 124 3.71 -4.98 6.02
N GLY B 125 2.57 -5.58 5.68
CA GLY B 125 2.33 -5.97 4.32
C GLY B 125 1.28 -7.05 4.19
N ASP B 126 1.32 -7.75 3.06
CA ASP B 126 0.39 -8.85 2.82
C ASP B 126 1.07 -9.84 1.90
N THR B 127 0.83 -11.12 2.12
CA THR B 127 1.47 -12.16 1.33
C THR B 127 0.36 -13.04 0.77
N THR B 128 0.24 -13.09 -0.55
CA THR B 128 -0.79 -13.92 -1.15
C THR B 128 -0.25 -14.82 -2.24
N GLN B 129 -1.06 -15.79 -2.64
CA GLN B 129 -0.74 -16.61 -3.80
C GLN B 129 -1.52 -16.06 -4.99
N GLY B 130 -0.89 -16.06 -6.16
CA GLY B 130 -1.55 -15.62 -7.37
C GLY B 130 -0.81 -16.15 -8.58
N PRO B 131 -1.44 -16.11 -9.76
CA PRO B 131 -0.86 -16.76 -10.93
C PRO B 131 0.35 -16.03 -11.52
N HIS B 132 0.53 -14.76 -11.17
CA HIS B 132 1.62 -13.97 -11.75
C HIS B 132 2.30 -13.11 -10.70
N LEU B 133 3.63 -13.12 -10.68
CA LEU B 133 4.37 -12.34 -9.69
C LEU B 133 4.08 -10.84 -9.80
N THR B 134 3.51 -10.30 -8.74
CA THR B 134 3.08 -8.91 -8.68
C THR B 134 3.44 -8.37 -7.29
N ILE B 135 4.14 -7.24 -7.25
CA ILE B 135 4.62 -6.66 -6.00
C ILE B 135 4.15 -5.20 -5.90
N THR B 136 3.49 -4.85 -4.80
CA THR B 136 3.20 -3.44 -4.54
C THR B 136 3.78 -3.02 -3.19
N VAL B 137 4.71 -2.08 -3.21
CA VAL B 137 5.26 -1.53 -1.98
C VAL B 137 4.61 -0.18 -1.71
N THR B 138 4.22 0.07 -0.47
CA THR B 138 3.81 1.39 -0.01
C THR B 138 4.97 2.01 0.76
N ALA B 139 5.35 3.26 0.46
CA ALA B 139 6.40 3.93 1.24
C ALA B 139 5.84 5.10 2.02
N MET B 140 6.38 5.29 3.22
CA MET B 140 5.98 6.43 4.03
CA MET B 140 5.99 6.38 4.11
C MET B 140 7.20 7.21 4.49
N GLY B 141 7.07 8.54 4.43
CA GLY B 141 8.10 9.43 4.89
C GLY B 141 7.50 10.61 5.62
N TRP B 142 8.38 11.49 6.10
CA TRP B 142 7.98 12.65 6.88
C TRP B 142 8.68 13.89 6.36
N ILE B 143 7.98 15.02 6.39
CA ILE B 143 8.59 16.27 5.95
C ILE B 143 8.09 17.41 6.83
N GLU B 144 8.96 18.39 7.06
CA GLU B 144 8.59 19.62 7.75
C GLU B 144 7.29 20.17 7.15
N THR B 145 6.33 20.51 8.00
CA THR B 145 4.99 20.90 7.54
C THR B 145 5.03 22.08 6.57
N GLY B 146 4.43 21.87 5.40
CA GLY B 146 4.31 22.90 4.39
C GLY B 146 5.46 22.97 3.40
N LYS B 147 6.49 22.16 3.61
CA LYS B 147 7.72 22.35 2.85
C LYS B 147 7.92 21.33 1.72
N ALA B 148 6.89 20.55 1.38
CA ALA B 148 7.03 19.60 0.28
C ALA B 148 7.28 20.31 -1.05
N VAL B 149 8.03 19.65 -1.92
CA VAL B 149 8.33 20.16 -3.24
C VAL B 149 7.33 19.52 -4.18
N LEU B 150 6.48 20.35 -4.79
CA LEU B 150 5.37 19.88 -5.59
C LEU B 150 5.75 19.87 -7.05
N ARG B 151 4.92 19.27 -7.89
CA ARG B 151 5.13 19.32 -9.33
C ARG B 151 4.72 20.67 -9.86
N SER B 152 3.86 21.34 -9.12
CA SER B 152 3.57 22.74 -9.41
C SER B 152 4.66 23.55 -8.73
N GLY B 153 4.79 24.82 -9.09
CA GLY B 153 5.76 25.64 -8.41
C GLY B 153 6.84 26.19 -9.31
N ALA B 154 7.06 25.53 -10.44
CA ALA B 154 8.03 26.01 -11.43
C ALA B 154 7.66 27.39 -11.96
N LYS B 155 8.65 28.30 -12.02
CA LYS B 155 8.41 29.66 -12.49
C LYS B 155 9.28 30.02 -13.70
N VAL B 156 8.79 30.91 -14.56
CA VAL B 156 9.57 31.37 -15.70
C VAL B 156 10.94 31.85 -15.24
N GLY B 157 12.00 31.41 -15.92
CA GLY B 157 13.34 31.80 -15.56
C GLY B 157 14.09 30.82 -14.69
N ASP B 158 13.36 29.88 -14.08
CA ASP B 158 13.98 28.79 -13.31
C ASP B 158 14.81 27.90 -14.23
N TYR B 159 15.92 27.39 -13.71
CA TYR B 159 16.68 26.35 -14.39
C TYR B 159 15.93 25.03 -14.34
N VAL B 160 16.06 24.22 -15.39
CA VAL B 160 15.68 22.81 -15.32
C VAL B 160 16.93 21.97 -15.09
N CYS B 161 16.90 21.10 -14.08
CA CYS B 161 18.07 20.30 -13.73
C CYS B 161 17.68 18.83 -13.60
N VAL B 162 18.66 17.94 -13.75
CA VAL B 162 18.40 16.53 -13.46
C VAL B 162 19.65 15.95 -12.80
N SER B 163 19.42 15.00 -11.91
CA SER B 163 20.51 14.34 -11.22
C SER B 163 21.08 13.17 -12.03
N GLY B 164 22.32 12.81 -11.74
CA GLY B 164 22.91 11.59 -12.28
C GLY B 164 22.97 11.54 -13.79
N GLN B 165 22.60 10.39 -14.34
CA GLN B 165 22.60 10.17 -15.78
C GLN B 165 21.24 9.66 -16.21
N ILE B 166 20.82 10.03 -17.43
CA ILE B 166 19.56 9.54 -17.96
C ILE B 166 19.80 8.70 -19.21
N GLY B 167 18.97 7.69 -19.40
CA GLY B 167 19.11 6.80 -20.53
C GLY B 167 19.83 5.49 -20.26
N ASP B 168 20.51 5.40 -19.12
CA ASP B 168 21.26 4.20 -18.73
C ASP B 168 20.40 2.93 -18.71
N ALA B 169 19.31 2.99 -17.94
CA ALA B 169 18.44 1.83 -17.74
C ALA B 169 17.84 1.35 -19.05
N ALA B 170 17.41 2.31 -19.87
CA ALA B 170 16.82 1.99 -21.16
C ALA B 170 17.81 1.29 -22.06
N TYR B 171 19.05 1.79 -22.09
CA TYR B 171 20.09 1.13 -22.86
C TYR B 171 20.32 -0.27 -22.31
N GLY B 172 20.30 -0.39 -20.99
CA GLY B 172 20.51 -1.66 -20.32
C GLY B 172 19.47 -2.68 -20.72
N LEU B 173 18.21 -2.27 -20.71
CA LEU B 173 17.12 -3.16 -21.10
C LEU B 173 17.32 -3.71 -22.51
N GLN B 174 17.81 -2.87 -23.42
CA GLN B 174 17.99 -3.28 -24.80
C GLN B 174 19.35 -3.94 -25.05
N HIS B 175 20.18 -4.00 -24.02
CA HIS B 175 21.46 -4.71 -24.11
C HIS B 175 21.73 -5.49 -22.83
N LEU B 176 20.89 -6.49 -22.57
CA LEU B 176 21.02 -7.24 -21.33
C LEU B 176 22.39 -7.93 -21.28
N GLY B 177 23.02 -7.89 -20.10
CA GLY B 177 24.36 -8.40 -19.93
C GLY B 177 25.40 -7.30 -19.95
N HIS B 178 25.05 -6.19 -20.57
CA HIS B 178 25.91 -5.02 -20.58
C HIS B 178 26.00 -4.46 -19.17
N SER B 179 27.08 -3.77 -18.87
CA SER B 179 27.27 -3.13 -17.57
C SER B 179 26.10 -2.22 -17.17
N LEU B 180 25.50 -1.55 -18.15
CA LEU B 180 24.40 -0.62 -17.87
C LEU B 180 23.11 -1.34 -17.46
N GLN B 181 23.07 -2.67 -17.55
CA GLN B 181 21.94 -3.39 -16.98
C GLN B 181 21.85 -3.12 -15.47
N GLN B 182 22.98 -2.81 -14.85
CA GLN B 182 22.98 -2.53 -13.40
C GLN B 182 22.11 -1.32 -13.06
N ARG B 183 21.95 -0.41 -14.01
CA ARG B 183 21.12 0.77 -13.78
C ARG B 183 19.63 0.44 -13.96
N LEU B 184 19.36 -0.60 -14.75
CA LEU B 184 17.99 -1.10 -14.87
C LEU B 184 17.61 -1.88 -13.62
N ASP B 185 18.49 -2.79 -13.20
CA ASP B 185 18.17 -3.71 -12.11
C ASP B 185 18.29 -3.03 -10.75
N TYR B 186 19.25 -2.11 -10.63
CA TYR B 186 19.53 -1.48 -9.35
C TYR B 186 19.55 0.05 -9.46
N PRO B 187 18.39 0.65 -9.73
CA PRO B 187 18.32 2.13 -9.74
C PRO B 187 18.64 2.65 -8.35
N THR B 188 19.17 3.85 -8.26
CA THR B 188 19.50 4.44 -6.97
C THR B 188 18.50 5.54 -6.64
N PRO B 189 17.65 5.32 -5.63
CA PRO B 189 16.78 6.44 -5.25
C PRO B 189 17.62 7.58 -4.66
N ARG B 190 17.35 8.81 -5.07
CA ARG B 190 18.22 9.92 -4.68
C ARG B 190 17.70 10.58 -3.42
N CYS B 191 17.79 9.83 -2.32
CA CYS B 191 17.09 10.21 -1.10
C CYS B 191 17.70 11.45 -0.48
N LYS B 192 19.02 11.45 -0.32
CA LYS B 192 19.69 12.60 0.29
C LYS B 192 19.53 13.86 -0.55
N LEU B 193 19.65 13.72 -1.87
CA LEU B 193 19.45 14.89 -2.74
C LEU B 193 18.03 15.45 -2.60
N GLY B 194 17.03 14.57 -2.51
CA GLY B 194 15.66 15.02 -2.33
C GLY B 194 15.53 15.88 -1.09
N GLU B 195 16.14 15.42 0.00
CA GLU B 195 16.14 16.17 1.25
C GLU B 195 16.86 17.51 1.13
N GLU B 196 17.97 17.52 0.40
CA GLU B 196 18.74 18.74 0.24
C GLU B 196 18.03 19.74 -0.68
N LEU B 197 17.02 19.28 -1.43
CA LEU B 197 16.32 20.18 -2.34
C LEU B 197 15.10 20.82 -1.68
N LYS B 198 14.70 20.30 -0.53
CA LYS B 198 13.66 20.93 0.28
C LYS B 198 14.04 22.40 0.51
N GLY B 199 13.16 23.31 0.14
CA GLY B 199 13.42 24.73 0.33
C GLY B 199 14.35 25.37 -0.69
N LEU B 200 14.80 24.58 -1.66
CA LEU B 200 15.64 25.09 -2.75
C LEU B 200 14.96 24.91 -4.12
N ALA B 201 14.43 23.72 -4.37
CA ALA B 201 13.77 23.44 -5.63
C ALA B 201 12.39 24.08 -5.65
N SER B 202 12.03 24.69 -6.79
CA SER B 202 10.69 25.28 -6.93
C SER B 202 9.67 24.22 -7.36
N SER B 203 10.15 23.17 -8.03
CA SER B 203 9.31 22.02 -8.39
C SER B 203 10.19 20.79 -8.56
N MET B 204 9.60 19.60 -8.51
CA MET B 204 10.39 18.37 -8.64
C MET B 204 9.53 17.16 -9.00
N ILE B 205 10.12 16.22 -9.75
CA ILE B 205 9.49 14.94 -10.06
C ILE B 205 10.60 13.91 -10.21
N ASP B 206 10.34 12.64 -9.92
CA ASP B 206 11.36 11.64 -10.21
C ASP B 206 11.09 11.09 -11.61
N VAL B 207 12.17 10.76 -12.32
CA VAL B 207 12.08 10.35 -13.71
C VAL B 207 11.92 8.83 -13.80
N SER B 208 10.68 8.39 -13.68
CA SER B 208 10.39 6.96 -13.68
C SER B 208 9.95 6.47 -15.06
N ASP B 209 9.34 7.36 -15.84
CA ASP B 209 8.82 6.97 -17.15
C ASP B 209 9.65 7.50 -18.30
N GLY B 210 10.34 8.62 -18.08
CA GLY B 210 11.10 9.26 -19.15
C GLY B 210 11.21 10.76 -18.91
N LEU B 211 12.37 11.34 -19.20
CA LEU B 211 12.61 12.75 -18.87
C LEU B 211 11.55 13.67 -19.49
N ALA B 212 11.26 13.50 -20.77
CA ALA B 212 10.31 14.41 -21.44
C ALA B 212 8.90 14.30 -20.85
N GLN B 213 8.44 13.07 -20.69
CA GLN B 213 7.09 12.82 -20.17
C GLN B 213 6.97 13.32 -18.72
N ASP B 214 7.99 13.05 -17.92
CA ASP B 214 7.95 13.41 -16.50
C ASP B 214 8.19 14.91 -16.28
N LEU B 215 9.15 15.52 -16.98
CA LEU B 215 9.22 16.98 -16.97
C LEU B 215 7.87 17.58 -17.41
N GLY B 216 7.24 16.96 -18.40
CA GLY B 216 5.94 17.38 -18.88
C GLY B 216 4.89 17.52 -17.78
N HIS B 217 4.93 16.64 -16.78
CA HIS B 217 3.96 16.73 -15.68
C HIS B 217 4.19 18.01 -14.88
N ILE B 218 5.45 18.41 -14.74
CA ILE B 218 5.79 19.65 -14.04
C ILE B 218 5.28 20.83 -14.85
N LEU B 219 5.52 20.81 -16.15
CA LEU B 219 5.13 21.92 -17.01
C LEU B 219 3.62 22.10 -16.96
N LYS B 220 2.88 21.00 -17.04
CA LYS B 220 1.42 21.09 -17.00
C LYS B 220 0.90 21.55 -15.66
N ALA B 221 1.49 21.04 -14.58
CA ALA B 221 1.08 21.41 -13.23
C ALA B 221 1.40 22.88 -12.94
N SER B 222 2.50 23.37 -13.51
CA SER B 222 2.99 24.73 -13.23
C SER B 222 2.51 25.76 -14.26
N LYS B 223 1.86 25.27 -15.31
CA LYS B 223 1.32 26.11 -16.38
C LYS B 223 2.43 26.95 -17.01
N VAL B 224 3.54 26.29 -17.29
CA VAL B 224 4.71 26.88 -17.94
C VAL B 224 5.26 25.91 -19.00
N GLY B 225 6.32 26.33 -19.69
CA GLY B 225 6.98 25.44 -20.63
C GLY B 225 8.46 25.37 -20.34
N ALA B 226 9.21 24.69 -21.20
CA ALA B 226 10.65 24.56 -21.02
C ALA B 226 11.40 24.41 -22.33
N ARG B 227 12.64 24.89 -22.33
CA ARG B 227 13.53 24.75 -23.48
C ARG B 227 14.76 24.01 -23.00
N LEU B 228 14.99 22.82 -23.53
CA LEU B 228 16.11 21.96 -23.10
C LEU B 228 17.24 21.99 -24.12
N ILE B 229 18.47 21.83 -23.63
CA ILE B 229 19.63 21.85 -24.50
C ILE B 229 20.13 20.42 -24.66
N LEU B 230 19.97 19.89 -25.86
CA LEU B 230 20.22 18.47 -26.09
C LEU B 230 21.63 18.02 -25.72
N GLU B 231 22.64 18.83 -26.06
CA GLU B 231 24.02 18.44 -25.78
C GLU B 231 24.38 18.56 -24.29
N LYS B 232 23.48 19.09 -23.48
CA LYS B 232 23.71 19.13 -22.03
C LYS B 232 23.10 17.97 -21.27
N LEU B 233 22.25 17.17 -21.92
CA LEU B 233 21.66 16.02 -21.23
C LEU B 233 22.77 15.07 -20.75
N PRO B 234 22.74 14.72 -19.46
CA PRO B 234 23.83 13.89 -18.91
C PRO B 234 23.70 12.41 -19.25
N VAL B 235 24.51 11.93 -20.18
CA VAL B 235 24.42 10.53 -20.58
C VAL B 235 25.73 9.81 -20.28
N ASP B 236 25.66 8.48 -20.24
CA ASP B 236 26.85 7.67 -20.00
C ASP B 236 27.80 7.82 -21.18
N PRO B 237 29.12 7.74 -20.92
CA PRO B 237 30.10 7.68 -22.01
C PRO B 237 29.73 6.67 -23.12
N VAL B 238 29.09 5.57 -22.75
CA VAL B 238 28.64 4.59 -23.75
C VAL B 238 27.65 5.21 -24.72
N LEU B 239 26.70 5.98 -24.20
CA LEU B 239 25.69 6.64 -25.03
C LEU B 239 26.28 7.85 -25.75
N GLN B 240 27.39 8.38 -25.24
CA GLN B 240 28.09 9.47 -25.91
CA GLN B 240 28.06 9.48 -25.92
C GLN B 240 28.71 8.97 -27.21
N GLN B 241 28.93 7.66 -27.30
CA GLN B 241 29.58 7.08 -28.47
C GLN B 241 28.58 6.52 -29.50
N ILE B 242 27.29 6.51 -29.20
CA ILE B 242 26.31 6.04 -30.17
C ILE B 242 25.76 7.25 -30.93
N GLU B 243 25.08 7.01 -32.05
CA GLU B 243 24.56 8.08 -32.90
C GLU B 243 23.65 9.03 -32.12
N GLU B 244 23.71 10.31 -32.46
CA GLU B 244 22.99 11.36 -31.74
C GLU B 244 21.51 11.05 -31.53
N GLN B 245 20.81 10.70 -32.60
CA GLN B 245 19.37 10.50 -32.57
C GLN B 245 18.96 9.47 -31.53
N GLN B 246 19.65 8.32 -31.51
CA GLN B 246 19.33 7.27 -30.56
C GLN B 246 19.70 7.68 -29.14
N ARG B 247 20.84 8.35 -29.01
CA ARG B 247 21.30 8.85 -27.72
C ARG B 247 20.21 9.71 -27.07
N TRP B 248 19.70 10.66 -27.84
CA TRP B 248 18.70 11.58 -27.32
C TRP B 248 17.37 10.88 -27.03
N GLN B 249 17.03 9.86 -27.81
CA GLN B 249 15.82 9.08 -27.53
C GLN B 249 15.95 8.31 -26.21
N TYR B 250 17.11 7.71 -25.98
CA TYR B 250 17.33 7.01 -24.72
C TYR B 250 17.20 7.97 -23.56
N ALA B 251 17.83 9.12 -23.68
CA ALA B 251 17.86 10.11 -22.60
C ALA B 251 16.48 10.70 -22.34
N LEU B 252 15.73 11.00 -23.40
CA LEU B 252 14.45 11.70 -23.22
C LEU B 252 13.22 10.80 -23.05
N ALA B 253 13.28 9.56 -23.54
CA ALA B 253 12.10 8.69 -23.47
C ALA B 253 12.42 7.31 -22.91
N GLY B 254 13.66 7.13 -22.46
CA GLY B 254 14.07 5.85 -21.92
C GLY B 254 13.33 5.41 -20.68
N GLY B 255 13.32 6.25 -19.66
CA GLY B 255 12.64 5.90 -18.42
C GLY B 255 13.36 4.88 -17.56
N ASP B 256 12.74 4.57 -16.41
CA ASP B 256 13.36 3.77 -15.36
C ASP B 256 14.69 4.35 -14.87
N ASP B 257 14.90 5.64 -15.07
CA ASP B 257 16.11 6.29 -14.55
C ASP B 257 16.12 6.42 -13.03
N TYR B 258 14.97 6.81 -12.49
CA TYR B 258 14.78 7.14 -11.07
C TYR B 258 15.79 8.19 -10.60
N GLU B 259 16.05 9.16 -11.49
CA GLU B 259 16.74 10.38 -11.11
C GLU B 259 15.70 11.44 -10.73
N LEU B 260 16.16 12.54 -10.17
CA LEU B 260 15.27 13.64 -9.84
C LEU B 260 15.43 14.76 -10.86
N CYS B 261 14.30 15.19 -11.41
CA CYS B 261 14.23 16.34 -12.30
C CYS B 261 13.60 17.49 -11.53
N PHE B 262 14.26 18.65 -11.49
CA PHE B 262 13.73 19.72 -10.65
C PHE B 262 13.98 21.08 -11.25
N THR B 263 13.23 22.07 -10.78
CA THR B 263 13.45 23.44 -11.22
C THR B 263 13.94 24.25 -10.04
N ILE B 264 14.69 25.31 -10.33
CA ILE B 264 15.40 26.01 -9.27
C ILE B 264 15.86 27.36 -9.80
N THR B 265 15.78 28.40 -8.99
CA THR B 265 16.27 29.72 -9.42
C THR B 265 17.78 29.65 -9.52
N PRO B 266 18.39 30.51 -10.38
CA PRO B 266 19.85 30.54 -10.44
C PRO B 266 20.49 30.78 -9.08
N GLN B 267 19.84 31.58 -8.25
CA GLN B 267 20.35 31.91 -6.93
C GLN B 267 20.35 30.68 -6.03
N ASN B 268 19.26 29.93 -6.09
CA ASN B 268 19.17 28.75 -5.24
C ASN B 268 20.04 27.63 -5.81
N TYR B 269 20.28 27.68 -7.11
CA TYR B 269 21.16 26.72 -7.77
C TYR B 269 22.58 26.88 -7.25
N GLU B 270 23.03 28.12 -7.14
CA GLU B 270 24.34 28.42 -6.57
C GLU B 270 24.45 27.87 -5.15
N LYS B 271 23.39 28.02 -4.35
CA LYS B 271 23.41 27.48 -2.99
C LYS B 271 23.48 25.97 -3.03
N LEU B 272 22.79 25.36 -3.99
CA LEU B 272 22.79 23.90 -4.14
C LEU B 272 24.19 23.37 -4.45
N LEU B 273 24.87 24.02 -5.40
CA LEU B 273 26.21 23.61 -5.79
C LEU B 273 27.22 23.73 -4.66
N GLN B 274 26.89 24.51 -3.64
CA GLN B 274 27.79 24.70 -2.51
C GLN B 274 27.65 23.60 -1.48
N LYS B 275 26.60 22.79 -1.59
CA LYS B 275 26.40 21.64 -0.71
C LYS B 275 27.27 20.47 -1.12
N GLN B 276 27.57 19.59 -0.17
CA GLN B 276 28.25 18.34 -0.46
C GLN B 276 27.20 17.29 -0.86
N LEU B 277 27.18 16.94 -2.15
CA LEU B 277 26.15 16.08 -2.68
C LEU B 277 26.69 14.72 -3.10
N ASP B 278 25.87 13.69 -2.95
CA ASP B 278 26.31 12.33 -3.25
C ASP B 278 25.97 11.94 -4.69
N VAL B 279 25.66 12.94 -5.51
CA VAL B 279 25.30 12.68 -6.90
C VAL B 279 25.57 13.91 -7.76
N LYS B 280 25.88 13.66 -9.02
CA LYS B 280 25.99 14.68 -10.06
C LYS B 280 24.68 15.45 -10.33
N ILE B 281 24.82 16.75 -10.57
CA ILE B 281 23.69 17.62 -10.90
C ILE B 281 24.01 18.33 -12.21
N THR B 282 23.06 18.36 -13.14
CA THR B 282 23.29 19.00 -14.44
C THR B 282 22.15 19.94 -14.82
N MET B 283 22.51 21.16 -15.23
CA MET B 283 21.50 22.11 -15.71
C MET B 283 21.27 21.84 -17.19
N ILE B 284 20.02 21.54 -17.57
CA ILE B 284 19.73 21.08 -18.92
C ILE B 284 18.77 22.00 -19.69
N GLY B 285 18.46 23.15 -19.11
CA GLY B 285 17.54 24.08 -19.77
C GLY B 285 16.90 25.03 -18.78
N GLN B 286 15.82 25.68 -19.20
CA GLN B 286 15.14 26.62 -18.33
C GLN B 286 13.64 26.68 -18.63
N ILE B 287 12.90 27.12 -17.62
CA ILE B 287 11.46 27.30 -17.72
C ILE B 287 11.14 28.59 -18.49
N VAL B 288 10.20 28.49 -19.42
CA VAL B 288 9.77 29.64 -20.23
C VAL B 288 8.26 29.83 -20.17
N GLU B 289 7.79 30.96 -20.68
CA GLU B 289 6.38 31.29 -20.57
C GLU B 289 5.51 30.46 -21.51
N GLN B 290 5.98 30.24 -22.75
CA GLN B 290 5.19 29.47 -23.72
C GLN B 290 5.00 28.03 -23.23
N THR B 291 3.75 27.57 -23.21
CA THR B 291 3.42 26.26 -22.64
C THR B 291 3.69 25.10 -23.60
N LYS B 292 4.97 24.94 -23.95
CA LYS B 292 5.41 23.84 -24.80
C LYS B 292 6.80 23.38 -24.38
N LEU B 293 7.11 22.11 -24.62
CA LEU B 293 8.48 21.61 -24.41
C LEU B 293 9.24 21.64 -25.73
N THR B 294 10.29 22.45 -25.79
CA THR B 294 11.08 22.58 -27.02
C THR B 294 12.55 22.30 -26.77
N PHE B 295 13.29 22.10 -27.86
CA PHE B 295 14.69 21.69 -27.74
C PHE B 295 15.60 22.61 -28.54
N GLU B 296 16.82 22.74 -28.04
CA GLU B 296 17.85 23.58 -28.62
C GLU B 296 19.08 22.70 -28.82
N HIS B 297 19.84 22.96 -29.89
CA HIS B 297 21.04 22.21 -30.16
C HIS B 297 22.02 23.11 -30.89
N LEU B 298 23.24 23.22 -30.33
CA LEU B 298 24.29 24.08 -30.86
C LEU B 298 23.80 25.52 -31.04
N GLY B 299 22.91 25.95 -30.15
CA GLY B 299 22.43 27.31 -30.13
C GLY B 299 21.27 27.63 -31.07
N SER B 300 20.72 26.61 -31.72
CA SER B 300 19.63 26.81 -32.65
C SER B 300 18.42 25.99 -32.24
N ASP B 301 17.23 26.39 -32.68
CA ASP B 301 16.04 25.57 -32.47
C ASP B 301 16.28 24.18 -33.07
N TYR B 302 15.78 23.15 -32.40
CA TYR B 302 15.96 21.80 -32.90
C TYR B 302 14.66 21.01 -32.81
N PRO B 303 13.91 20.99 -33.92
CA PRO B 303 12.69 20.18 -34.03
C PRO B 303 12.98 18.73 -33.73
N LEU B 304 12.25 18.16 -32.77
CA LEU B 304 12.50 16.79 -32.35
C LEU B 304 11.19 16.14 -31.92
N GLN B 305 10.89 14.99 -32.50
CA GLN B 305 9.77 14.19 -32.06
C GLN B 305 10.29 13.06 -31.17
N ILE B 306 9.67 12.88 -30.02
CA ILE B 306 10.11 11.86 -29.08
C ILE B 306 9.27 10.60 -29.22
PG ANP C . 5.39 5.88 -11.84
O1G ANP C . 4.27 4.98 -11.64
O2G ANP C . 6.53 5.46 -10.84
O3G ANP C . 5.87 5.74 -13.34
PB ANP C . 4.49 8.06 -10.15
O1B ANP C . 5.26 9.36 -9.72
O2B ANP C . 4.57 7.03 -9.13
N3B ANP C . 5.01 7.46 -11.57
PA ANP C . 1.76 7.82 -11.10
O1A ANP C . 1.88 8.11 -12.61
O2A ANP C . 1.71 6.37 -10.81
O3A ANP C . 2.98 8.52 -10.35
O5' ANP C . 0.41 8.47 -10.57
C5' ANP C . 0.05 9.84 -10.79
C4' ANP C . -0.83 10.28 -9.65
O4' ANP C . -2.06 9.51 -9.66
C3' ANP C . -0.22 10.07 -8.26
O3' ANP C . -0.55 11.17 -7.42
C2' ANP C . -0.84 8.74 -7.81
O2' ANP C . -0.89 8.67 -6.39
C1' ANP C . -2.23 8.82 -8.44
N9 ANP C . -2.84 7.53 -8.76
C8 ANP C . -2.42 6.63 -9.70
N7 ANP C . -3.21 5.59 -9.83
C5 ANP C . -4.22 5.82 -8.91
C6 ANP C . -5.38 5.10 -8.58
N6 ANP C . -5.77 3.99 -9.20
N1 ANP C . -6.18 5.62 -7.62
C2 ANP C . -5.84 6.77 -7.05
N3 ANP C . -4.78 7.55 -7.29
C4 ANP C . -4.00 7.01 -8.23
MG MG D . -3.27 -9.50 5.01
CL CL E . 2.00 -0.30 -16.64
MG MG F . -6.65 -8.22 6.50
MG MG G . -6.69 -8.66 10.19
MG MG H . 3.04 5.11 -9.88
K K I . -5.73 -6.02 16.64
K K J . -3.40 -6.17 7.36
CL CL K . -3.62 -16.27 -0.77
MG MG L . 7.09 9.85 -9.26
K K M . 7.10 16.26 -6.41
K K N . 3.76 7.36 -6.54
PG ANP O . -5.75 -11.26 6.02
O1G ANP O . -6.80 -10.15 5.78
O2G ANP O . -4.67 -11.11 5.05
O3G ANP O . -6.41 -12.68 5.94
PB ANP O . -4.42 -9.74 8.09
O1B ANP O . -4.96 -9.22 9.44
O2B ANP O . -4.50 -8.71 7.06
N3B ANP O . -5.20 -11.07 7.56
PA ANP O . -1.89 -10.98 7.54
O1A ANP O . -2.03 -10.62 6.10
O2A ANP O . -2.12 -12.46 7.85
O3A ANP O . -2.92 -10.14 8.42
O5' ANP O . -0.42 -10.59 8.05
C5' ANP O . 0.06 -10.90 9.36
C4' ANP O . 1.10 -9.86 9.72
O4' ANP O . 2.25 -9.97 8.85
C3' ANP O . 0.61 -8.42 9.61
O3' ANP O . 1.17 -7.66 10.68
C2' ANP O . 1.12 -7.98 8.23
O2' ANP O . 1.29 -6.57 8.18
C1' ANP O . 2.43 -8.75 8.14
N9 ANP O . 2.86 -9.08 6.79
C8 ANP O . 2.24 -9.93 5.90
N7 ANP O . 2.89 -10.12 4.78
C5 ANP O . 4.03 -9.33 4.93
C6 ANP O . 5.14 -9.10 4.10
N6 ANP O . 5.32 -9.69 2.92
N1 ANP O . 6.09 -8.26 4.55
C2 ANP O . 5.94 -7.68 5.75
N3 ANP O . 4.94 -7.83 6.62
C4 ANP O . 4.01 -8.67 6.15
MG MG P . 6.64 6.11 -8.97
#